data_6NLG
#
_entry.id   6NLG
#
_cell.length_a   153.814
_cell.length_b   153.814
_cell.length_c   153.406
_cell.angle_alpha   90.000
_cell.angle_beta   90.000
_cell.angle_gamma   120.000
#
_symmetry.space_group_name_H-M   'P 63 2 2'
#
loop_
_entity.id
_entity.type
_entity.pdbx_description
1 polymer Bacterioferritin
2 non-polymer 5-hydroxy-1H-isoindole-1,3(2H)-dione
3 non-polymer 'PROTOPORPHYRIN IX CONTAINING FE'
4 non-polymer (4S)-2-METHYL-2,4-PENTANEDIOL
5 non-polymer 'SULFATE ION'
6 non-polymer 'POTASSIUM ION'
7 water water
#
_entity_poly.entity_id   1
_entity_poly.type   'polypeptide(L)'
_entity_poly.pdbx_seq_one_letter_code
;MKGDKKVIQHLNKILGNELIAINQYFLHSRMWNDWGLKRLGAHEYHESIDEMKHADKLIERILFLEGLPNLQDLGKLLIG
ENTQEMLQSDLNLELCATKDLREAIVHCEQVHDYVSRDLLKDILESEEEHIDYLETQLGLIQKVGLENYLQSHMHEDD
;
_entity_poly.pdbx_strand_id   A,B,C,D
#
# COMPACT_ATOMS: atom_id res chain seq x y z
N MET A 1 17.83 3.45 13.38
CA MET A 1 18.01 2.33 12.41
C MET A 1 17.62 1.01 13.08
N LYS A 2 16.47 0.43 12.71
CA LYS A 2 16.10 -0.85 13.30
C LYS A 2 16.95 -1.99 12.73
N GLY A 3 17.42 -1.89 11.48
CA GLY A 3 18.11 -3.02 10.89
C GLY A 3 19.52 -3.17 11.43
N ASP A 4 19.93 -4.44 11.56
CA ASP A 4 21.33 -4.76 11.85
C ASP A 4 22.19 -4.31 10.68
N LYS A 5 23.28 -3.59 10.98
CA LYS A 5 24.14 -3.02 9.94
C LYS A 5 24.65 -4.09 8.98
N LYS A 6 25.13 -5.21 9.53
CA LYS A 6 25.68 -6.26 8.69
C LYS A 6 24.59 -7.00 7.91
N VAL A 7 23.36 -7.11 8.46
CA VAL A 7 22.27 -7.63 7.63
C VAL A 7 22.07 -6.75 6.41
N ILE A 8 22.00 -5.44 6.61
CA ILE A 8 21.80 -4.55 5.47
C ILE A 8 22.95 -4.68 4.46
N GLN A 9 24.19 -4.80 4.95
CA GLN A 9 25.32 -5.02 4.03
C GLN A 9 25.14 -6.31 3.24
N HIS A 10 24.73 -7.40 3.91
CA HIS A 10 24.48 -8.64 3.20
C HIS A 10 23.36 -8.47 2.19
N LEU A 11 22.27 -7.81 2.58
CA LEU A 11 21.17 -7.65 1.61
C LEU A 11 21.61 -6.82 0.41
N ASN A 12 22.46 -5.79 0.63
CA ASN A 12 22.98 -5.02 -0.50
C ASN A 12 23.92 -5.85 -1.37
N LYS A 13 24.65 -6.80 -0.77
CA LYS A 13 25.48 -7.68 -1.58
C LYS A 13 24.63 -8.59 -2.45
N ILE A 14 23.57 -9.18 -1.88
CA ILE A 14 22.68 -10.04 -2.65
C ILE A 14 22.02 -9.21 -3.75
N LEU A 15 21.55 -8.02 -3.39
CA LEU A 15 20.98 -7.11 -4.39
C LEU A 15 21.96 -6.85 -5.52
N GLY A 16 23.23 -6.61 -5.18
CA GLY A 16 24.23 -6.42 -6.21
C GLY A 16 24.34 -7.60 -7.15
N ASN A 17 24.28 -8.82 -6.61
CA ASN A 17 24.34 -10.01 -7.45
C ASN A 17 23.12 -10.10 -8.33
N GLU A 18 21.95 -9.71 -7.80
CA GLU A 18 20.74 -9.73 -8.60
C GLU A 18 20.83 -8.72 -9.75
N LEU A 19 21.41 -7.55 -9.50
CA LEU A 19 21.54 -6.56 -10.56
C LEU A 19 22.44 -7.04 -11.69
N ILE A 20 23.52 -7.74 -11.35
CA ILE A 20 24.36 -8.35 -12.38
C ILE A 20 23.53 -9.34 -13.19
N ALA A 21 22.81 -10.22 -12.49
CA ALA A 21 22.04 -11.27 -13.15
C ALA A 21 20.96 -10.68 -14.07
N ILE A 22 20.26 -9.64 -13.61
CA ILE A 22 19.24 -9.03 -14.45
C ILE A 22 19.81 -8.67 -15.82
N ASN A 23 20.93 -7.95 -15.81
CA ASN A 23 21.49 -7.45 -17.06
C ASN A 23 22.13 -8.57 -17.87
N GLN A 24 22.86 -9.46 -17.21
CA GLN A 24 23.49 -10.58 -17.92
C GLN A 24 22.44 -11.43 -18.60
N TYR A 25 21.38 -11.81 -17.87
CA TYR A 25 20.35 -12.67 -18.46
C TYR A 25 19.58 -11.92 -19.54
N PHE A 26 19.33 -10.62 -19.34
CA PHE A 26 18.59 -9.89 -20.37
C PHE A 26 19.38 -9.83 -21.68
N LEU A 27 20.67 -9.50 -21.60
CA LEU A 27 21.50 -9.49 -22.79
C LEU A 27 21.60 -10.87 -23.43
N HIS A 28 21.81 -11.91 -22.61
CA HIS A 28 21.86 -13.26 -23.18
C HIS A 28 20.55 -13.60 -23.90
N SER A 29 19.41 -13.22 -23.30
CA SER A 29 18.12 -13.46 -23.93
C SER A 29 18.08 -12.83 -25.32
N ARG A 30 18.47 -11.57 -25.40
CA ARG A 30 18.36 -10.86 -26.67
C ARG A 30 19.39 -11.35 -27.68
N MET A 31 20.56 -11.82 -27.21
CA MET A 31 21.49 -12.48 -28.11
C MET A 31 20.91 -13.76 -28.70
N TRP A 32 20.27 -14.59 -27.87
CA TRP A 32 19.64 -15.78 -28.39
C TRP A 32 18.54 -15.43 -29.39
N ASN A 33 17.76 -14.38 -29.12
CA ASN A 33 16.76 -13.97 -30.10
C ASN A 33 17.40 -13.51 -31.40
N ASP A 34 18.49 -12.72 -31.31
CA ASP A 34 19.22 -12.30 -32.51
C ASP A 34 19.65 -13.49 -33.34
N TRP A 35 20.04 -14.57 -32.68
CA TRP A 35 20.49 -15.77 -33.38
C TRP A 35 19.36 -16.71 -33.79
N GLY A 36 18.11 -16.38 -33.50
CA GLY A 36 17.01 -17.25 -33.89
C GLY A 36 16.80 -18.44 -32.99
N LEU A 37 17.40 -18.42 -31.81
CA LEU A 37 17.20 -19.47 -30.82
C LEU A 37 16.14 -18.99 -29.84
N LYS A 38 14.90 -18.98 -30.34
CA LYS A 38 13.83 -18.27 -29.65
C LYS A 38 13.41 -18.95 -28.34
N ARG A 39 13.53 -20.28 -28.26
CA ARG A 39 13.16 -20.96 -27.02
C ARG A 39 14.13 -20.58 -25.90
N LEU A 40 15.42 -20.48 -26.23
CA LEU A 40 16.38 -20.02 -25.24
C LEU A 40 16.17 -18.56 -24.92
N GLY A 41 15.92 -17.73 -25.95
CA GLY A 41 15.67 -16.33 -25.70
C GLY A 41 14.52 -16.12 -24.74
N ALA A 42 13.44 -16.87 -24.92
CA ALA A 42 12.27 -16.67 -24.06
C ALA A 42 12.54 -17.16 -22.66
N HIS A 43 13.17 -18.33 -22.51
CA HIS A 43 13.47 -18.83 -21.18
C HIS A 43 14.35 -17.85 -20.42
N GLU A 44 15.38 -17.32 -21.08
CA GLU A 44 16.32 -16.45 -20.42
C GLU A 44 15.68 -15.11 -20.08
N TYR A 45 14.76 -14.64 -20.90
CA TYR A 45 13.97 -13.45 -20.55
C TYR A 45 13.24 -13.67 -19.23
N HIS A 46 12.58 -14.81 -19.06
CA HIS A 46 11.88 -15.06 -17.82
C HIS A 46 12.83 -15.21 -16.63
N GLU A 47 14.04 -15.73 -16.85
CA GLU A 47 15.04 -15.74 -15.77
C GLU A 47 15.40 -14.31 -15.36
N SER A 48 15.56 -13.42 -16.34
CA SER A 48 15.87 -12.02 -16.03
C SER A 48 14.74 -11.37 -15.24
N ILE A 49 13.49 -11.57 -15.67
CA ILE A 49 12.33 -11.04 -14.95
C ILE A 49 12.32 -11.57 -13.51
N ASP A 50 12.59 -12.86 -13.32
CA ASP A 50 12.58 -13.41 -11.98
CA ASP A 50 12.56 -13.39 -11.97
C ASP A 50 13.59 -12.70 -11.08
N GLU A 51 14.78 -12.40 -11.62
CA GLU A 51 15.77 -11.69 -10.82
C GLU A 51 15.33 -10.26 -10.53
N MET A 52 14.62 -9.62 -11.47
CA MET A 52 14.07 -8.30 -11.22
C MET A 52 13.12 -8.34 -10.03
N LYS A 53 12.29 -9.39 -9.94
CA LYS A 53 11.38 -9.50 -8.81
C LYS A 53 12.12 -9.70 -7.50
N HIS A 54 13.20 -10.50 -7.51
CA HIS A 54 14.01 -10.66 -6.30
C HIS A 54 14.63 -9.34 -5.89
N ALA A 55 15.18 -8.60 -6.85
CA ALA A 55 15.77 -7.31 -6.55
C ALA A 55 14.75 -6.38 -5.90
N ASP A 56 13.52 -6.35 -6.41
CA ASP A 56 12.47 -5.52 -5.83
C ASP A 56 12.25 -5.86 -4.37
N LYS A 57 12.12 -7.15 -4.05
CA LYS A 57 11.89 -7.57 -2.68
C LYS A 57 13.05 -7.18 -1.78
N LEU A 58 14.29 -7.30 -2.28
CA LEU A 58 15.44 -6.91 -1.47
C LEU A 58 15.43 -5.41 -1.19
N ILE A 59 15.17 -4.60 -2.22
CA ILE A 59 15.10 -3.15 -2.06
C ILE A 59 14.05 -2.79 -1.00
N GLU A 60 12.88 -3.42 -1.09
CA GLU A 60 11.84 -3.12 -0.13
CA GLU A 60 11.81 -3.16 -0.13
C GLU A 60 12.26 -3.48 1.28
N ARG A 61 12.91 -4.63 1.46
CA ARG A 61 13.36 -5.02 2.80
C ARG A 61 14.44 -4.08 3.33
N ILE A 62 15.39 -3.71 2.49
CA ILE A 62 16.46 -2.80 2.94
C ILE A 62 15.86 -1.49 3.42
N LEU A 63 14.92 -0.93 2.65
CA LEU A 63 14.30 0.32 3.06
C LEU A 63 13.51 0.18 4.36
N PHE A 64 12.78 -0.93 4.53
CA PHE A 64 12.09 -1.15 5.79
C PHE A 64 13.08 -1.15 6.97
N LEU A 65 14.25 -1.75 6.76
CA LEU A 65 15.27 -1.81 7.80
C LEU A 65 16.04 -0.51 7.96
N GLU A 66 15.68 0.52 7.19
CA GLU A 66 16.25 1.86 7.26
C GLU A 66 17.68 1.88 6.73
N GLY A 67 17.98 0.99 5.80
CA GLY A 67 19.20 1.05 5.04
C GLY A 67 19.03 1.74 3.70
N LEU A 68 20.16 1.94 3.03
CA LEU A 68 20.19 2.60 1.73
C LEU A 68 20.44 1.54 0.66
N PRO A 69 19.45 1.20 -0.18
CA PRO A 69 19.69 0.20 -1.21
C PRO A 69 20.72 0.71 -2.21
N ASN A 70 21.65 -0.16 -2.59
CA ASN A 70 22.72 0.18 -3.51
C ASN A 70 22.35 -0.29 -4.92
N LEU A 71 21.87 0.63 -5.74
CA LEU A 71 21.63 0.36 -7.16
C LEU A 71 22.69 1.03 -8.04
N GLN A 72 23.75 1.58 -7.44
CA GLN A 72 24.77 2.31 -8.16
C GLN A 72 25.93 1.42 -8.59
N ASP A 73 26.28 0.45 -7.77
CA ASP A 73 27.46 -0.36 -8.01
C ASP A 73 27.01 -1.61 -8.76
N LEU A 74 27.48 -1.74 -9.97
CA LEU A 74 27.16 -2.87 -10.81
C LEU A 74 28.45 -3.65 -11.04
N GLY A 75 28.46 -4.88 -10.56
CA GLY A 75 29.61 -5.74 -10.72
C GLY A 75 29.71 -6.32 -12.12
N LYS A 76 30.66 -7.23 -12.26
CA LYS A 76 31.07 -7.67 -13.58
C LYS A 76 30.07 -8.65 -14.18
N LEU A 77 29.53 -8.27 -15.34
CA LEU A 77 28.78 -9.19 -16.18
C LEU A 77 29.77 -10.07 -16.92
N LEU A 78 29.43 -11.34 -17.07
CA LEU A 78 30.25 -12.21 -17.90
C LEU A 78 29.36 -12.72 -19.02
N ILE A 79 29.56 -12.12 -20.16
CA ILE A 79 28.76 -12.35 -21.34
C ILE A 79 29.48 -13.40 -22.19
N GLY A 80 28.78 -14.50 -22.47
CA GLY A 80 29.34 -15.52 -23.33
C GLY A 80 29.25 -15.17 -24.79
N GLU A 81 30.06 -15.87 -25.60
CA GLU A 81 30.14 -15.63 -27.03
C GLU A 81 29.37 -16.65 -27.86
N ASN A 82 28.95 -17.75 -27.25
CA ASN A 82 28.11 -18.75 -27.89
C ASN A 82 27.24 -19.38 -26.81
N THR A 83 26.31 -20.24 -27.23
CA THR A 83 25.31 -20.78 -26.30
C THR A 83 25.97 -21.48 -25.13
N GLN A 84 26.96 -22.32 -25.39
CA GLN A 84 27.62 -23.06 -24.31
C GLN A 84 28.26 -22.10 -23.31
N GLU A 85 28.96 -21.06 -23.79
CA GLU A 85 29.61 -20.10 -22.91
C GLU A 85 28.58 -19.31 -22.11
N MET A 86 27.46 -18.98 -22.74
CA MET A 86 26.44 -18.20 -22.05
C MET A 86 25.81 -19.00 -20.92
N LEU A 87 25.45 -20.25 -21.19
CA LEU A 87 24.94 -21.14 -20.15
C LEU A 87 25.95 -21.31 -19.03
N GLN A 88 27.23 -21.49 -19.40
CA GLN A 88 28.25 -21.65 -18.38
C GLN A 88 28.43 -20.39 -17.56
N SER A 89 28.35 -19.21 -18.20
CA SER A 89 28.49 -17.97 -17.47
CA SER A 89 28.47 -17.95 -17.50
C SER A 89 27.33 -17.75 -16.52
N ASP A 90 26.11 -18.07 -16.95
CA ASP A 90 24.97 -17.98 -16.04
C ASP A 90 25.16 -18.91 -14.85
N LEU A 91 25.67 -20.12 -15.11
CA LEU A 91 25.90 -21.07 -14.03
C LEU A 91 26.98 -20.57 -13.07
N ASN A 92 28.09 -20.02 -13.58
CA ASN A 92 29.11 -19.43 -12.72
CA ASN A 92 29.10 -19.42 -12.73
C ASN A 92 28.50 -18.37 -11.81
N LEU A 93 27.70 -17.48 -12.38
CA LEU A 93 27.07 -16.44 -11.58
C LEU A 93 26.21 -17.02 -10.48
N GLU A 94 25.39 -18.01 -10.81
CA GLU A 94 24.50 -18.59 -9.82
CA GLU A 94 24.50 -18.62 -9.83
C GLU A 94 25.27 -19.31 -8.73
N LEU A 95 26.36 -20.02 -9.08
CA LEU A 95 27.13 -20.72 -8.04
C LEU A 95 27.74 -19.72 -7.07
N CYS A 96 28.32 -18.64 -7.59
CA CYS A 96 28.86 -17.59 -6.72
CA CYS A 96 28.86 -17.63 -6.69
C CYS A 96 27.75 -16.94 -5.90
N ALA A 97 26.63 -16.65 -6.56
CA ALA A 97 25.51 -15.97 -5.89
C ALA A 97 24.93 -16.82 -4.77
N THR A 98 24.82 -18.13 -4.95
CA THR A 98 24.26 -18.94 -3.88
C THR A 98 25.19 -19.02 -2.69
N LYS A 99 26.51 -18.98 -2.91
CA LYS A 99 27.44 -18.92 -1.78
C LYS A 99 27.19 -17.67 -0.94
N ASP A 100 27.00 -16.53 -1.61
CA ASP A 100 26.72 -15.30 -0.88
C ASP A 100 25.40 -15.38 -0.13
N LEU A 101 24.39 -16.00 -0.74
CA LEU A 101 23.11 -16.15 -0.05
C LEU A 101 23.27 -16.96 1.23
N ARG A 102 24.02 -18.07 1.16
CA ARG A 102 24.20 -18.89 2.36
C ARG A 102 24.90 -18.09 3.46
N GLU A 103 25.93 -17.33 3.09
CA GLU A 103 26.62 -16.52 4.11
C GLU A 103 25.69 -15.49 4.73
N ALA A 104 24.81 -14.90 3.92
CA ALA A 104 23.87 -13.91 4.42
C ALA A 104 22.85 -14.55 5.37
N ILE A 105 22.36 -15.73 5.02
CA ILE A 105 21.40 -16.45 5.87
C ILE A 105 22.03 -16.78 7.23
N VAL A 106 23.30 -17.25 7.23
CA VAL A 106 23.98 -17.53 8.48
C VAL A 106 23.96 -16.30 9.38
N HIS A 107 24.29 -15.14 8.82
CA HIS A 107 24.34 -13.94 9.63
C HIS A 107 22.95 -13.54 10.13
N CYS A 108 21.93 -13.62 9.26
CA CYS A 108 20.58 -13.30 9.70
C CYS A 108 20.16 -14.18 10.87
N GLU A 109 20.46 -15.48 10.78
CA GLU A 109 20.13 -16.39 11.88
C GLU A 109 20.84 -15.95 13.15
N GLN A 110 22.11 -15.59 13.02
CA GLN A 110 22.92 -15.23 14.18
C GLN A 110 22.34 -14.04 14.93
N VAL A 111 21.79 -13.04 14.22
CA VAL A 111 21.26 -11.85 14.85
C VAL A 111 19.73 -11.88 14.97
N HIS A 112 19.12 -13.02 14.69
CA HIS A 112 17.69 -13.27 14.91
C HIS A 112 16.81 -12.46 13.94
N ASP A 113 17.33 -12.13 12.76
CA ASP A 113 16.52 -11.48 11.72
C ASP A 113 15.91 -12.58 10.86
N TYR A 114 14.86 -13.19 11.41
CA TYR A 114 14.28 -14.36 10.79
C TYR A 114 13.48 -14.02 9.55
N VAL A 115 12.92 -12.82 9.48
CA VAL A 115 12.19 -12.43 8.28
C VAL A 115 13.14 -12.19 7.11
N SER A 116 14.30 -11.54 7.35
CA SER A 116 15.27 -11.44 6.26
C SER A 116 15.76 -12.82 5.84
N ARG A 117 15.97 -13.71 6.82
CA ARG A 117 16.38 -15.06 6.47
C ARG A 117 15.36 -15.74 5.57
N ASP A 118 14.08 -15.57 5.88
CA ASP A 118 13.05 -16.23 5.08
C ASP A 118 13.04 -15.69 3.65
N LEU A 119 13.22 -14.38 3.49
CA LEU A 119 13.29 -13.80 2.16
C LEU A 119 14.46 -14.37 1.38
N LEU A 120 15.62 -14.45 2.02
CA LEU A 120 16.80 -14.96 1.35
C LEU A 120 16.66 -16.43 1.02
N LYS A 121 16.00 -17.21 1.88
CA LYS A 121 15.80 -18.62 1.60
C LYS A 121 14.89 -18.83 0.40
N ASP A 122 13.87 -17.98 0.23
CA ASP A 122 13.01 -18.06 -0.94
C ASP A 122 13.77 -17.74 -2.23
N ILE A 123 14.65 -16.72 -2.18
CA ILE A 123 15.50 -16.42 -3.33
C ILE A 123 16.43 -17.60 -3.60
N LEU A 124 17.01 -18.17 -2.54
CA LEU A 124 17.93 -19.30 -2.71
C LEU A 124 17.25 -20.47 -3.41
N GLU A 125 16.01 -20.78 -3.02
CA GLU A 125 15.29 -21.84 -3.70
C GLU A 125 15.15 -21.55 -5.19
N SER A 126 14.81 -20.31 -5.55
CA SER A 126 14.70 -19.96 -6.97
CA SER A 126 14.70 -19.97 -6.97
C SER A 126 16.05 -20.09 -7.67
N GLU A 127 17.14 -19.68 -7.01
CA GLU A 127 18.44 -19.79 -7.66
C GLU A 127 18.85 -21.26 -7.83
N GLU A 128 18.54 -22.13 -6.87
CA GLU A 128 18.85 -23.55 -7.05
C GLU A 128 18.01 -24.15 -8.18
N GLU A 129 16.77 -23.69 -8.37
CA GLU A 129 16.00 -24.11 -9.54
C GLU A 129 16.69 -23.68 -10.82
N HIS A 130 17.27 -22.49 -10.83
CA HIS A 130 17.97 -22.04 -12.03
C HIS A 130 19.23 -22.88 -12.26
N ILE A 131 19.98 -23.21 -11.20
CA ILE A 131 21.13 -24.10 -11.34
C ILE A 131 20.69 -25.46 -11.92
N ASP A 132 19.58 -26.01 -11.42
CA ASP A 132 19.02 -27.25 -11.97
C ASP A 132 18.80 -27.13 -13.47
N TYR A 133 18.15 -26.05 -13.90
CA TYR A 133 17.93 -25.82 -15.32
C TYR A 133 19.24 -25.76 -16.10
N LEU A 134 20.19 -24.97 -15.61
CA LEU A 134 21.44 -24.75 -16.34
C LEU A 134 22.26 -26.02 -16.46
N GLU A 135 22.45 -26.73 -15.35
CA GLU A 135 23.18 -27.99 -15.41
C GLU A 135 22.52 -28.97 -16.35
N THR A 136 21.17 -29.00 -16.34
CA THR A 136 20.45 -29.90 -17.23
C THR A 136 20.69 -29.53 -18.69
N GLN A 137 20.72 -28.23 -19.01
CA GLN A 137 20.93 -27.83 -20.41
C GLN A 137 22.32 -28.24 -20.89
N LEU A 138 23.32 -28.01 -20.03
CA LEU A 138 24.68 -28.40 -20.38
C LEU A 138 24.79 -29.90 -20.55
N GLY A 139 24.09 -30.67 -19.71
CA GLY A 139 24.05 -32.11 -19.89
C GLY A 139 23.37 -32.53 -21.18
N LEU A 140 22.30 -31.83 -21.57
CA LEU A 140 21.63 -32.16 -22.82
C LEU A 140 22.53 -31.93 -24.01
N ILE A 141 23.35 -30.87 -23.98
CA ILE A 141 24.31 -30.66 -25.05
C ILE A 141 25.21 -31.88 -25.17
N GLN A 142 25.65 -32.44 -24.03
CA GLN A 142 26.50 -33.64 -24.06
C GLN A 142 25.75 -34.86 -24.60
N LYS A 143 24.47 -35.00 -24.26
CA LYS A 143 23.73 -36.22 -24.57
CA LYS A 143 23.72 -36.22 -24.57
C LYS A 143 23.17 -36.23 -25.99
N VAL A 144 22.69 -35.07 -26.48
CA VAL A 144 22.06 -35.02 -27.81
C VAL A 144 22.96 -34.37 -28.86
N GLY A 145 24.07 -33.76 -28.45
CA GLY A 145 24.96 -33.03 -29.32
C GLY A 145 24.57 -31.56 -29.43
N LEU A 146 25.57 -30.71 -29.64
CA LEU A 146 25.33 -29.28 -29.65
C LEU A 146 24.35 -28.90 -30.74
N GLU A 147 24.53 -29.43 -31.95
CA GLU A 147 23.70 -29.00 -33.08
CA GLU A 147 23.70 -29.01 -33.08
C GLU A 147 22.25 -29.37 -32.84
N ASN A 148 21.99 -30.59 -32.36
CA ASN A 148 20.62 -30.98 -32.01
C ASN A 148 20.08 -30.12 -30.88
N TYR A 149 20.89 -29.86 -29.85
CA TYR A 149 20.42 -29.05 -28.74
C TYR A 149 19.97 -27.67 -29.23
N LEU A 150 20.79 -27.02 -30.04
CA LEU A 150 20.43 -25.71 -30.58
C LEU A 150 19.19 -25.82 -31.46
N GLN A 151 19.13 -26.85 -32.31
CA GLN A 151 17.94 -27.05 -33.15
C GLN A 151 16.67 -27.09 -32.31
N SER A 152 16.70 -27.80 -31.20
CA SER A 152 15.56 -27.94 -30.29
C SER A 152 15.17 -26.65 -29.61
N HIS A 153 15.99 -25.61 -29.71
CA HIS A 153 15.71 -24.32 -29.10
C HIS A 153 15.49 -23.22 -30.14
N MET A 154 15.27 -23.60 -31.39
CA MET A 154 14.96 -22.61 -32.42
C MET A 154 13.54 -22.09 -32.26
N HIS A 155 12.58 -22.99 -32.10
CA HIS A 155 11.17 -22.66 -32.04
C HIS A 155 10.69 -22.53 -30.60
N GLU A 156 9.87 -21.52 -30.34
CA GLU A 156 9.29 -21.36 -29.01
C GLU A 156 8.35 -22.49 -28.68
N MET B 1 30.22 -6.22 -40.91
CA MET B 1 29.46 -5.49 -39.85
C MET B 1 28.60 -4.39 -40.48
N LYS B 2 27.28 -4.47 -40.31
CA LYS B 2 26.44 -3.56 -41.07
C LYS B 2 26.28 -2.20 -40.41
N GLY B 3 26.31 -2.11 -39.08
CA GLY B 3 26.05 -0.84 -38.44
C GLY B 3 27.20 0.14 -38.61
N ASP B 4 26.83 1.41 -38.70
CA ASP B 4 27.82 2.49 -38.61
C ASP B 4 28.37 2.55 -37.20
N LYS B 5 29.69 2.59 -37.08
CA LYS B 5 30.31 2.50 -35.76
C LYS B 5 29.84 3.60 -34.83
N LYS B 6 29.75 4.83 -35.34
CA LYS B 6 29.33 5.95 -34.49
C LYS B 6 27.84 5.85 -34.15
N VAL B 7 27.00 5.30 -35.05
CA VAL B 7 25.61 5.03 -34.67
C VAL B 7 25.57 4.11 -33.46
N ILE B 8 26.32 3.01 -33.51
CA ILE B 8 26.34 2.06 -32.38
C ILE B 8 26.82 2.75 -31.11
N GLN B 9 27.84 3.60 -31.22
CA GLN B 9 28.31 4.31 -30.03
C GLN B 9 27.21 5.20 -29.45
N HIS B 10 26.49 5.91 -30.33
CA HIS B 10 25.35 6.71 -29.89
C HIS B 10 24.29 5.85 -29.24
N LEU B 11 23.93 4.72 -29.86
CA LEU B 11 22.89 3.87 -29.29
C LEU B 11 23.31 3.34 -27.93
N ASN B 12 24.59 3.01 -27.76
CA ASN B 12 25.06 2.58 -26.45
C ASN B 12 25.07 3.71 -25.44
N LYS B 13 25.30 4.95 -25.89
CA LYS B 13 25.19 6.08 -24.98
C LYS B 13 23.75 6.25 -24.50
N ILE B 14 22.79 6.16 -25.43
CA ILE B 14 21.40 6.25 -25.03
C ILE B 14 21.04 5.09 -24.10
N LEU B 15 21.48 3.89 -24.44
CA LEU B 15 21.24 2.74 -23.56
C LEU B 15 21.80 2.99 -22.17
N GLY B 16 23.00 3.55 -22.07
CA GLY B 16 23.54 3.84 -20.75
C GLY B 16 22.67 4.82 -19.98
N ASN B 17 22.10 5.80 -20.67
CA ASN B 17 21.18 6.73 -20.01
C ASN B 17 19.93 6.00 -19.51
N GLU B 18 19.41 5.08 -20.32
CA GLU B 18 18.24 4.31 -19.91
C GLU B 18 18.55 3.48 -18.68
N LEU B 19 19.73 2.89 -18.61
CA LEU B 19 20.08 2.06 -17.47
C LEU B 19 20.14 2.89 -16.19
N ILE B 20 20.68 4.11 -16.26
CA ILE B 20 20.65 5.01 -15.12
C ILE B 20 19.21 5.27 -14.70
N ALA B 21 18.37 5.63 -15.67
CA ALA B 21 16.98 5.97 -15.38
C ALA B 21 16.23 4.80 -14.79
N ILE B 22 16.42 3.59 -15.32
CA ILE B 22 15.73 2.43 -14.77
C ILE B 22 15.97 2.36 -13.26
N ASN B 23 17.24 2.44 -12.86
CA ASN B 23 17.59 2.23 -11.46
C ASN B 23 17.18 3.43 -10.60
N GLN B 24 17.41 4.65 -11.09
CA GLN B 24 17.04 5.83 -10.32
C GLN B 24 15.53 5.86 -10.10
N TYR B 25 14.75 5.59 -11.15
CA TYR B 25 13.31 5.62 -10.97
C TYR B 25 12.84 4.45 -10.12
N PHE B 26 13.44 3.26 -10.25
CA PHE B 26 13.00 2.16 -9.43
C PHE B 26 13.25 2.45 -7.95
N LEU B 27 14.42 2.99 -7.62
CA LEU B 27 14.69 3.32 -6.24
C LEU B 27 13.78 4.44 -5.74
N HIS B 28 13.62 5.50 -6.53
CA HIS B 28 12.69 6.56 -6.11
C HIS B 28 11.30 5.99 -5.87
N SER B 29 10.84 5.10 -6.74
CA SER B 29 9.54 4.46 -6.55
C SER B 29 9.44 3.78 -5.20
N ARG B 30 10.44 2.96 -4.88
CA ARG B 30 10.37 2.19 -3.64
C ARG B 30 10.58 3.07 -2.42
N MET B 31 11.31 4.18 -2.55
CA MET B 31 11.42 5.17 -1.48
C MET B 31 10.05 5.78 -1.21
N TRP B 32 9.35 6.18 -2.26
CA TRP B 32 8.01 6.73 -2.09
C TRP B 32 7.08 5.71 -1.44
N ASN B 33 7.16 4.43 -1.87
CA ASN B 33 6.32 3.42 -1.21
C ASN B 33 6.68 3.28 0.28
N ASP B 34 7.99 3.29 0.60
CA ASP B 34 8.41 3.22 2.00
C ASP B 34 7.81 4.36 2.81
N TRP B 35 7.69 5.52 2.20
CA TRP B 35 7.15 6.68 2.88
C TRP B 35 5.63 6.72 2.87
N GLY B 36 4.97 5.77 2.24
CA GLY B 36 3.51 5.76 2.21
C GLY B 36 2.91 6.65 1.15
N LEU B 37 3.71 7.10 0.18
CA LEU B 37 3.23 7.93 -0.92
C LEU B 37 3.02 7.01 -2.14
N LYS B 38 1.97 6.20 -2.01
CA LYS B 38 1.79 5.07 -2.91
C LYS B 38 1.47 5.50 -4.33
N ARG B 39 0.85 6.66 -4.53
CA ARG B 39 0.53 7.09 -5.88
C ARG B 39 1.81 7.51 -6.62
N LEU B 40 2.70 8.21 -5.93
CA LEU B 40 4.00 8.52 -6.51
C LEU B 40 4.80 7.26 -6.74
N GLY B 41 4.78 6.34 -5.77
CA GLY B 41 5.46 5.08 -5.94
C GLY B 41 5.01 4.34 -7.19
N ALA B 42 3.69 4.30 -7.42
CA ALA B 42 3.19 3.58 -8.57
C ALA B 42 3.54 4.30 -9.86
N HIS B 43 3.40 5.62 -9.91
CA HIS B 43 3.72 6.32 -11.14
C HIS B 43 5.19 6.14 -11.49
N GLU B 44 6.06 6.26 -10.50
CA GLU B 44 7.50 6.16 -10.75
C GLU B 44 7.89 4.74 -11.14
N TYR B 45 7.23 3.72 -10.58
CA TYR B 45 7.39 2.35 -11.02
C TYR B 45 7.12 2.25 -12.52
N HIS B 46 6.02 2.84 -12.98
CA HIS B 46 5.69 2.75 -14.40
C HIS B 46 6.68 3.51 -15.27
N GLU B 47 7.25 4.62 -14.77
CA GLU B 47 8.33 5.29 -15.48
C GLU B 47 9.53 4.37 -15.62
N SER B 48 9.88 3.66 -14.55
CA SER B 48 11.01 2.72 -14.61
C SER B 48 10.75 1.62 -15.64
N ILE B 49 9.55 1.05 -15.63
CA ILE B 49 9.17 0.03 -16.62
C ILE B 49 9.28 0.57 -18.04
N ASP B 50 8.82 1.81 -18.27
CA ASP B 50 8.91 2.37 -19.62
CA ASP B 50 8.91 2.35 -19.62
C ASP B 50 10.35 2.46 -20.08
N GLU B 51 11.26 2.84 -19.17
CA GLU B 51 12.67 2.91 -19.54
C GLU B 51 13.23 1.52 -19.81
N MET B 52 12.77 0.51 -19.07
CA MET B 52 13.15 -0.87 -19.36
C MET B 52 12.77 -1.26 -20.78
N LYS B 53 11.57 -0.90 -21.22
CA LYS B 53 11.13 -1.21 -22.57
C LYS B 53 11.99 -0.50 -23.61
N HIS B 54 12.38 0.75 -23.34
CA HIS B 54 13.27 1.47 -24.27
C HIS B 54 14.62 0.77 -24.35
N ALA B 55 15.18 0.38 -23.21
CA ALA B 55 16.45 -0.33 -23.18
C ALA B 55 16.37 -1.60 -24.01
N ASP B 56 15.27 -2.34 -23.87
CA ASP B 56 15.09 -3.55 -24.67
C ASP B 56 15.19 -3.24 -26.17
N LYS B 57 14.46 -2.22 -26.63
CA LYS B 57 14.47 -1.89 -28.05
C LYS B 57 15.87 -1.48 -28.51
N LEU B 58 16.59 -0.73 -27.67
CA LEU B 58 17.95 -0.33 -28.05
C LEU B 58 18.86 -1.53 -28.16
N ILE B 59 18.78 -2.46 -27.19
CA ILE B 59 19.60 -3.67 -27.22
C ILE B 59 19.32 -4.46 -28.49
N GLU B 60 18.04 -4.64 -28.82
CA GLU B 60 17.67 -5.35 -30.03
C GLU B 60 18.27 -4.69 -31.27
N ARG B 61 18.20 -3.36 -31.35
CA ARG B 61 18.71 -2.66 -32.53
C ARG B 61 20.23 -2.79 -32.61
N ILE B 62 20.92 -2.62 -31.49
CA ILE B 62 22.37 -2.73 -31.49
C ILE B 62 22.81 -4.10 -31.98
N LEU B 63 22.16 -5.16 -31.49
CA LEU B 63 22.53 -6.51 -31.92
C LEU B 63 22.26 -6.71 -33.41
N PHE B 64 21.15 -6.18 -33.94
CA PHE B 64 20.89 -6.29 -35.37
C PHE B 64 22.01 -5.63 -36.17
N LEU B 65 22.50 -4.50 -35.70
CA LEU B 65 23.56 -3.76 -36.37
C LEU B 65 24.94 -4.37 -36.13
N GLU B 66 25.00 -5.49 -35.41
CA GLU B 66 26.24 -6.23 -35.15
C GLU B 66 27.16 -5.48 -34.20
N GLY B 67 26.59 -4.63 -33.34
CA GLY B 67 27.32 -4.07 -32.22
C GLY B 67 27.15 -4.88 -30.94
N LEU B 68 27.88 -4.44 -29.93
CA LEU B 68 27.89 -5.06 -28.61
C LEU B 68 27.14 -4.17 -27.64
N PRO B 69 25.94 -4.52 -27.20
CA PRO B 69 25.23 -3.66 -26.24
C PRO B 69 25.99 -3.59 -24.93
N ASN B 70 26.07 -2.38 -24.40
CA ASN B 70 26.78 -2.11 -23.16
C ASN B 70 25.77 -2.03 -22.02
N LEU B 71 25.65 -3.13 -21.28
CA LEU B 71 24.86 -3.15 -20.06
C LEU B 71 25.74 -3.12 -18.82
N GLN B 72 27.04 -2.90 -18.99
CA GLN B 72 27.98 -2.96 -17.88
C GLN B 72 28.23 -1.60 -17.25
N ASP B 73 28.29 -0.54 -18.06
CA ASP B 73 28.64 0.76 -17.55
C ASP B 73 27.37 1.42 -17.04
N LEU B 74 27.35 1.68 -15.74
CA LEU B 74 26.24 2.36 -15.09
C LEU B 74 26.74 3.68 -14.56
N GLY B 75 26.25 4.78 -15.12
CA GLY B 75 26.64 6.11 -14.70
C GLY B 75 25.99 6.52 -13.39
N LYS B 76 26.20 7.79 -13.04
CA LYS B 76 25.84 8.28 -11.72
C LYS B 76 24.33 8.42 -11.58
N LEU B 77 23.77 7.75 -10.58
CA LEU B 77 22.37 7.94 -10.20
C LEU B 77 22.24 9.24 -9.42
N LEU B 78 21.14 9.94 -9.65
CA LEU B 78 20.84 11.20 -8.98
C LEU B 78 19.67 10.92 -8.03
N ILE B 79 19.98 10.53 -6.78
CA ILE B 79 18.95 10.10 -5.82
C ILE B 79 18.65 11.25 -4.89
N GLY B 80 17.40 11.71 -4.89
CA GLY B 80 17.01 12.78 -4.00
C GLY B 80 16.74 12.31 -2.59
N GLU B 81 16.74 13.28 -1.66
CA GLU B 81 16.51 13.02 -0.25
C GLU B 81 15.06 13.26 0.15
N ASN B 82 14.30 13.95 -0.70
CA ASN B 82 12.91 14.23 -0.44
C ASN B 82 12.20 14.35 -1.78
N THR B 83 10.86 14.44 -1.73
CA THR B 83 10.07 14.37 -2.95
C THR B 83 10.47 15.44 -3.97
N GLN B 84 10.65 16.69 -3.53
CA GLN B 84 11.01 17.74 -4.47
C GLN B 84 12.36 17.46 -5.13
N GLU B 85 13.36 17.04 -4.33
CA GLU B 85 14.68 16.71 -4.87
C GLU B 85 14.63 15.52 -5.83
N MET B 86 13.79 14.51 -5.51
CA MET B 86 13.68 13.34 -6.36
C MET B 86 13.08 13.70 -7.71
N LEU B 87 12.03 14.52 -7.71
CA LEU B 87 11.44 14.96 -8.97
C LEU B 87 12.42 15.82 -9.75
N GLN B 88 13.12 16.74 -9.08
CA GLN B 88 14.09 17.57 -9.78
C GLN B 88 15.23 16.72 -10.34
N SER B 89 15.66 15.69 -9.59
CA SER B 89 16.71 14.82 -10.08
CA SER B 89 16.71 14.80 -10.06
C SER B 89 16.28 14.03 -11.31
N ASP B 90 15.05 13.52 -11.30
CA ASP B 90 14.52 12.87 -12.50
C ASP B 90 14.49 13.84 -13.66
N LEU B 91 14.08 15.08 -13.42
CA LEU B 91 14.04 16.07 -14.49
C LEU B 91 15.43 16.37 -15.03
N ASN B 92 16.42 16.53 -14.13
CA ASN B 92 17.78 16.77 -14.61
C ASN B 92 18.27 15.61 -15.47
N LEU B 93 17.99 14.37 -15.04
CA LEU B 93 18.38 13.22 -15.83
C LEU B 93 17.73 13.24 -17.20
N GLU B 94 16.43 13.55 -17.26
CA GLU B 94 15.72 13.56 -18.53
C GLU B 94 16.22 14.66 -19.45
N LEU B 95 16.61 15.81 -18.89
CA LEU B 95 17.13 16.86 -19.76
C LEU B 95 18.46 16.45 -20.38
N CYS B 96 19.30 15.77 -19.60
CA CYS B 96 20.54 15.21 -20.16
CA CYS B 96 20.53 15.21 -20.16
C CYS B 96 20.23 14.15 -21.21
N ALA B 97 19.24 13.31 -20.94
CA ALA B 97 18.92 12.22 -21.87
C ALA B 97 18.43 12.77 -23.21
N THR B 98 17.60 13.81 -23.17
CA THR B 98 17.08 14.33 -24.45
C THR B 98 18.17 15.05 -25.23
N LYS B 99 19.13 15.67 -24.55
CA LYS B 99 20.27 16.23 -25.27
C LYS B 99 21.01 15.14 -26.03
N ASP B 100 21.30 14.02 -25.37
CA ASP B 100 22.01 12.93 -26.03
C ASP B 100 21.17 12.34 -27.17
N LEU B 101 19.84 12.24 -26.98
CA LEU B 101 18.99 11.71 -28.04
C LEU B 101 19.05 12.59 -29.29
N ARG B 102 19.01 13.92 -29.10
CA ARG B 102 19.07 14.81 -30.26
C ARG B 102 20.39 14.64 -31.00
N GLU B 103 21.50 14.54 -30.28
CA GLU B 103 22.80 14.36 -30.94
C GLU B 103 22.86 13.04 -31.70
N ALA B 104 22.27 11.98 -31.13
CA ALA B 104 22.24 10.69 -31.81
C ALA B 104 21.40 10.77 -33.08
N ILE B 105 20.24 11.43 -33.01
CA ILE B 105 19.38 11.55 -34.18
C ILE B 105 20.08 12.31 -35.30
N VAL B 106 20.79 13.40 -34.97
CA VAL B 106 21.57 14.13 -35.99
C VAL B 106 22.50 13.19 -36.72
N HIS B 107 23.26 12.40 -35.97
CA HIS B 107 24.22 11.50 -36.60
C HIS B 107 23.52 10.43 -37.43
N CYS B 108 22.46 9.82 -36.91
CA CYS B 108 21.74 8.83 -37.71
C CYS B 108 21.29 9.39 -39.04
N GLU B 109 20.74 10.62 -39.02
CA GLU B 109 20.32 11.28 -40.25
C GLU B 109 21.50 11.45 -41.20
N GLN B 110 22.65 11.86 -40.67
CA GLN B 110 23.80 12.15 -41.53
C GLN B 110 24.30 10.91 -42.25
N VAL B 111 24.21 9.73 -41.63
CA VAL B 111 24.69 8.50 -42.26
C VAL B 111 23.55 7.66 -42.80
N HIS B 112 22.34 8.20 -42.84
CA HIS B 112 21.19 7.59 -43.50
C HIS B 112 20.68 6.35 -42.77
N ASP B 113 20.90 6.26 -41.46
CA ASP B 113 20.31 5.17 -40.67
C ASP B 113 18.94 5.65 -40.15
N TYR B 114 17.95 5.60 -41.06
CA TYR B 114 16.66 6.18 -40.79
C TYR B 114 15.85 5.34 -39.81
N VAL B 115 16.06 4.02 -39.79
CA VAL B 115 15.35 3.17 -38.83
C VAL B 115 15.86 3.42 -37.41
N SER B 116 17.18 3.57 -37.23
CA SER B 116 17.66 3.96 -35.90
C SER B 116 17.14 5.34 -35.50
N ARG B 117 17.10 6.28 -36.45
CA ARG B 117 16.54 7.59 -36.13
C ARG B 117 15.09 7.47 -35.66
N ASP B 118 14.30 6.63 -36.33
CA ASP B 118 12.89 6.51 -35.95
CA ASP B 118 12.90 6.51 -35.95
C ASP B 118 12.75 5.92 -34.56
N LEU B 119 13.57 4.91 -34.23
CA LEU B 119 13.56 4.38 -32.87
C LEU B 119 13.89 5.48 -31.85
N LEU B 120 14.94 6.25 -32.11
CA LEU B 120 15.35 7.26 -31.17
C LEU B 120 14.31 8.36 -31.03
N LYS B 121 13.63 8.72 -32.13
CA LYS B 121 12.57 9.72 -32.06
C LYS B 121 11.40 9.25 -31.21
N ASP B 122 11.08 7.96 -31.28
CA ASP B 122 10.02 7.40 -30.43
C ASP B 122 10.42 7.45 -28.96
N ILE B 123 11.67 7.10 -28.65
CA ILE B 123 12.17 7.26 -27.29
C ILE B 123 12.10 8.71 -26.85
N LEU B 124 12.54 9.63 -27.72
CA LEU B 124 12.53 11.05 -27.38
C LEU B 124 11.13 11.53 -27.06
N GLU B 125 10.14 11.12 -27.84
CA GLU B 125 8.76 11.51 -27.54
C GLU B 125 8.38 11.07 -26.13
N SER B 126 8.74 9.84 -25.77
CA SER B 126 8.42 9.34 -24.44
CA SER B 126 8.43 9.33 -24.43
C SER B 126 9.16 10.12 -23.36
N GLU B 127 10.42 10.49 -23.61
CA GLU B 127 11.15 11.24 -22.60
C GLU B 127 10.60 12.66 -22.45
N GLU B 128 10.15 13.29 -23.54
CA GLU B 128 9.52 14.60 -23.42
C GLU B 128 8.18 14.50 -22.67
N GLU B 129 7.46 13.40 -22.84
CA GLU B 129 6.27 13.19 -22.01
C GLU B 129 6.64 13.10 -20.54
N HIS B 130 7.77 12.47 -20.23
CA HIS B 130 8.20 12.42 -18.84
C HIS B 130 8.58 13.80 -18.33
N ILE B 131 9.28 14.59 -19.15
CA ILE B 131 9.59 15.97 -18.76
C ILE B 131 8.31 16.74 -18.48
N ASP B 132 7.30 16.57 -19.35
CA ASP B 132 5.99 17.20 -19.14
C ASP B 132 5.42 16.84 -17.77
N TYR B 133 5.41 15.55 -17.45
CA TYR B 133 4.93 15.10 -16.14
C TYR B 133 5.73 15.76 -15.00
N LEU B 134 7.05 15.75 -15.11
CA LEU B 134 7.90 16.21 -14.01
C LEU B 134 7.75 17.70 -13.78
N GLU B 135 7.76 18.49 -14.86
CA GLU B 135 7.58 19.93 -14.71
C GLU B 135 6.24 20.23 -14.12
N THR B 136 5.23 19.45 -14.54
CA THR B 136 3.88 19.63 -14.01
C THR B 136 3.83 19.34 -12.51
N GLN B 137 4.49 18.27 -12.05
CA GLN B 137 4.48 17.96 -10.62
C GLN B 137 5.16 19.05 -9.82
N LEU B 138 6.31 19.54 -10.30
CA LEU B 138 7.00 20.61 -9.59
C LEU B 138 6.13 21.86 -9.54
N GLY B 139 5.39 22.14 -10.63
CA GLY B 139 4.46 23.27 -10.62
C GLY B 139 3.31 23.06 -9.63
N LEU B 140 2.82 21.83 -9.52
CA LEU B 140 1.74 21.56 -8.57
C LEU B 140 2.19 21.75 -7.14
N ILE B 141 3.42 21.37 -6.80
CA ILE B 141 3.93 21.65 -5.46
C ILE B 141 3.82 23.14 -5.16
N GLN B 142 4.15 23.99 -6.15
CA GLN B 142 4.06 25.43 -5.93
C GLN B 142 2.63 25.90 -5.82
N LYS B 143 1.71 25.28 -6.60
CA LYS B 143 0.33 25.76 -6.67
C LYS B 143 -0.52 25.28 -5.50
N VAL B 144 -0.36 24.04 -5.05
CA VAL B 144 -1.19 23.51 -3.97
C VAL B 144 -0.44 23.43 -2.65
N GLY B 145 0.87 23.65 -2.64
CA GLY B 145 1.71 23.49 -1.46
C GLY B 145 2.24 22.08 -1.32
N LEU B 146 3.42 21.97 -0.73
CA LEU B 146 4.08 20.66 -0.63
C LEU B 146 3.23 19.65 0.16
N GLU B 147 2.70 20.06 1.31
CA GLU B 147 1.98 19.11 2.15
C GLU B 147 0.74 18.57 1.44
N ASN B 148 -0.02 19.44 0.78
CA ASN B 148 -1.15 18.98 -0.02
C ASN B 148 -0.69 18.09 -1.16
N TYR B 149 0.40 18.47 -1.83
CA TYR B 149 0.86 17.67 -2.96
C TYR B 149 1.17 16.24 -2.50
N LEU B 150 1.89 16.12 -1.38
CA LEU B 150 2.19 14.79 -0.85
C LEU B 150 0.92 14.08 -0.43
N GLN B 151 0.00 14.79 0.22
CA GLN B 151 -1.25 14.17 0.64
C GLN B 151 -1.98 13.56 -0.53
N SER B 152 -2.03 14.27 -1.65
CA SER B 152 -2.69 13.82 -2.86
C SER B 152 -2.04 12.59 -3.46
N HIS B 153 -0.84 12.23 -3.01
CA HIS B 153 -0.12 11.07 -3.52
C HIS B 153 0.03 9.96 -2.48
N MET B 154 -0.72 10.02 -1.39
CA MET B 154 -0.72 8.93 -0.43
C MET B 154 -1.43 7.70 -0.95
N HIS B 155 -2.63 7.87 -1.51
CA HIS B 155 -3.45 6.75 -1.94
C HIS B 155 -3.35 6.56 -3.44
N GLU B 156 -3.31 5.30 -3.87
CA GLU B 156 -3.27 5.00 -5.30
C GLU B 156 -4.56 5.37 -6.00
N MET C 1 -63.01 5.84 18.67
CA MET C 1 -61.58 6.21 18.80
C MET C 1 -60.85 5.20 19.68
N LYS C 2 -60.09 4.31 19.04
CA LYS C 2 -59.35 3.30 19.78
C LYS C 2 -58.10 3.86 20.44
N GLY C 3 -57.57 5.02 20.01
CA GLY C 3 -56.34 5.51 20.59
C GLY C 3 -56.55 6.27 21.89
N ASP C 4 -55.52 6.26 22.72
CA ASP C 4 -55.46 7.12 23.90
C ASP C 4 -55.24 8.57 23.48
N LYS C 5 -56.00 9.49 24.07
CA LYS C 5 -55.94 10.89 23.65
C LYS C 5 -54.54 11.45 23.80
N LYS C 6 -53.89 11.19 24.94
CA LYS C 6 -52.58 11.74 25.18
C LYS C 6 -51.52 11.04 24.32
N VAL C 7 -51.68 9.76 24.01
CA VAL C 7 -50.78 9.13 23.02
C VAL C 7 -50.85 9.91 21.71
N ILE C 8 -52.07 10.17 21.23
CA ILE C 8 -52.24 10.88 19.96
C ILE C 8 -51.62 12.26 20.05
N GLN C 9 -51.78 12.95 21.18
CA GLN C 9 -51.12 14.25 21.35
C GLN C 9 -49.60 14.11 21.24
N HIS C 10 -49.04 13.10 21.91
CA HIS C 10 -47.60 12.86 21.81
C HIS C 10 -47.20 12.55 20.37
N LEU C 11 -47.96 11.68 19.68
CA LEU C 11 -47.60 11.37 18.29
C LEU C 11 -47.65 12.61 17.43
N ASN C 12 -48.65 13.49 17.64
CA ASN C 12 -48.70 14.73 16.88
C ASN C 12 -47.54 15.66 17.24
N LYS C 13 -47.07 15.64 18.49
CA LYS C 13 -45.91 16.45 18.85
C LYS C 13 -44.67 15.94 18.11
N ILE C 14 -44.47 14.62 18.09
CA ILE C 14 -43.35 14.06 17.35
C ILE C 14 -43.50 14.36 15.87
N LEU C 15 -44.70 14.19 15.33
CA LEU C 15 -44.94 14.54 13.93
C LEU C 15 -44.56 15.99 13.65
N GLY C 16 -44.94 16.90 14.54
CA GLY C 16 -44.54 18.29 14.39
C GLY C 16 -43.03 18.48 14.32
N ASN C 17 -42.30 17.75 15.16
CA ASN C 17 -40.85 17.81 15.13
C ASN C 17 -40.31 17.28 13.81
N GLU C 18 -40.92 16.21 13.30
CA GLU C 18 -40.49 15.66 12.01
C GLU C 18 -40.72 16.66 10.89
N LEU C 19 -41.83 17.41 10.93
CA LEU C 19 -42.11 18.36 9.86
C LEU C 19 -41.08 19.49 9.85
N ILE C 20 -40.66 19.94 11.03
CA ILE C 20 -39.58 20.92 11.12
C ILE C 20 -38.32 20.35 10.51
N ALA C 21 -37.95 19.14 10.92
CA ALA C 21 -36.71 18.52 10.47
C ALA C 21 -36.71 18.31 8.96
N ILE C 22 -37.85 17.86 8.40
CA ILE C 22 -37.92 17.68 6.96
C ILE C 22 -37.49 18.95 6.26
N ASN C 23 -38.08 20.07 6.66
CA ASN C 23 -37.85 21.33 5.94
C ASN C 23 -36.47 21.89 6.24
N GLN C 24 -36.05 21.83 7.49
CA GLN C 24 -34.73 22.32 7.87
C GLN C 24 -33.64 21.55 7.12
N TYR C 25 -33.75 20.22 7.11
CA TYR C 25 -32.73 19.41 6.46
C TYR C 25 -32.80 19.57 4.94
N PHE C 26 -34.01 19.71 4.38
CA PHE C 26 -34.08 19.88 2.94
C PHE C 26 -33.42 21.19 2.51
N LEU C 27 -33.70 22.27 3.23
CA LEU C 27 -33.08 23.54 2.90
C LEU C 27 -31.57 23.49 3.12
N HIS C 28 -31.12 22.93 4.25
CA HIS C 28 -29.68 22.80 4.47
C HIS C 28 -29.03 22.01 3.33
N SER C 29 -29.68 20.92 2.88
CA SER C 29 -29.16 20.13 1.77
C SER C 29 -28.95 20.98 0.53
N ARG C 30 -29.97 21.77 0.19
CA ARG C 30 -29.91 22.55 -1.05
C ARG C 30 -28.97 23.73 -0.92
N MET C 31 -28.78 24.24 0.29
CA MET C 31 -27.74 25.24 0.54
C MET C 31 -26.36 24.64 0.30
N TRP C 32 -26.11 23.46 0.86
CA TRP C 32 -24.81 22.85 0.65
C TRP C 32 -24.59 22.53 -0.84
N ASN C 33 -25.63 22.11 -1.56
CA ASN C 33 -25.46 21.90 -3.01
C ASN C 33 -25.15 23.21 -3.73
N ASP C 34 -25.85 24.30 -3.35
CA ASP C 34 -25.59 25.61 -3.96
C ASP C 34 -24.14 26.00 -3.78
N TRP C 35 -23.57 25.67 -2.64
CA TRP C 35 -22.19 26.01 -2.31
C TRP C 35 -21.18 25.03 -2.90
N GLY C 36 -21.63 23.97 -3.57
CA GLY C 36 -20.72 22.99 -4.12
C GLY C 36 -20.19 21.98 -3.15
N LEU C 37 -20.82 21.87 -1.97
CA LEU C 37 -20.44 20.88 -0.98
C LEU C 37 -21.37 19.67 -1.13
N LYS C 38 -21.14 18.95 -2.23
CA LYS C 38 -22.12 17.98 -2.69
C LYS C 38 -22.23 16.78 -1.77
N ARG C 39 -21.16 16.42 -1.06
CA ARG C 39 -21.25 15.28 -0.15
C ARG C 39 -22.13 15.61 1.05
N LEU C 40 -22.00 16.82 1.59
CA LEU C 40 -22.92 17.28 2.65
C LEU C 40 -24.33 17.43 2.11
N GLY C 41 -24.49 17.97 0.91
CA GLY C 41 -25.81 18.11 0.33
C GLY C 41 -26.52 16.78 0.20
N ALA C 42 -25.80 15.75 -0.26
CA ALA C 42 -26.41 14.45 -0.43
C ALA C 42 -26.73 13.82 0.91
N HIS C 43 -25.81 13.89 1.87
CA HIS C 43 -26.08 13.30 3.18
C HIS C 43 -27.31 13.93 3.79
N GLU C 44 -27.40 15.25 3.72
CA GLU C 44 -28.50 15.98 4.36
C GLU C 44 -29.82 15.71 3.64
N TYR C 45 -29.76 15.53 2.32
CA TYR C 45 -30.95 15.11 1.57
C TYR C 45 -31.47 13.79 2.11
N HIS C 46 -30.58 12.82 2.32
CA HIS C 46 -31.04 11.54 2.83
C HIS C 46 -31.55 11.64 4.25
N GLU C 47 -31.01 12.56 5.05
CA GLU C 47 -31.57 12.80 6.38
C GLU C 47 -33.00 13.33 6.27
N SER C 48 -33.23 14.26 5.34
CA SER C 48 -34.57 14.79 5.13
C SER C 48 -35.54 13.69 4.70
N ILE C 49 -35.12 12.85 3.75
CA ILE C 49 -35.95 11.74 3.31
C ILE C 49 -36.29 10.81 4.48
N ASP C 50 -35.31 10.52 5.34
CA ASP C 50 -35.58 9.63 6.48
CA ASP C 50 -35.59 9.63 6.46
C ASP C 50 -36.65 10.24 7.38
N GLU C 51 -36.60 11.55 7.59
CA GLU C 51 -37.62 12.18 8.43
C GLU C 51 -38.98 12.14 7.75
N MET C 52 -39.01 12.26 6.42
CA MET C 52 -40.26 12.10 5.68
C MET C 52 -40.86 10.72 5.90
N LYS C 53 -40.03 9.69 5.89
CA LYS C 53 -40.51 8.34 6.15
C LYS C 53 -41.04 8.20 7.58
N HIS C 54 -40.36 8.80 8.57
CA HIS C 54 -40.86 8.77 9.95
C HIS C 54 -42.21 9.47 10.03
N ALA C 55 -42.33 10.64 9.38
CA ALA C 55 -43.60 11.37 9.36
C ALA C 55 -44.72 10.52 8.77
N ASP C 56 -44.44 9.81 7.68
CA ASP C 56 -45.44 8.94 7.08
C ASP C 56 -45.92 7.90 8.08
N LYS C 57 -44.99 7.22 8.76
CA LYS C 57 -45.37 6.20 9.74
C LYS C 57 -46.19 6.81 10.87
N LEU C 58 -45.84 8.01 11.32
CA LEU C 58 -46.62 8.65 12.39
C LEU C 58 -48.02 8.97 11.92
N ILE C 59 -48.16 9.53 10.73
CA ILE C 59 -49.48 9.84 10.17
C ILE C 59 -50.33 8.58 10.09
N GLU C 60 -49.74 7.50 9.58
CA GLU C 60 -50.48 6.25 9.45
C GLU C 60 -50.95 5.75 10.82
N ARG C 61 -50.07 5.81 11.83
CA ARG C 61 -50.44 5.35 13.17
C ARG C 61 -51.52 6.23 13.77
N ILE C 62 -51.39 7.55 13.64
CA ILE C 62 -52.41 8.46 14.17
C ILE C 62 -53.77 8.16 13.55
N LEU C 63 -53.82 7.96 12.24
CA LEU C 63 -55.09 7.65 11.59
C LEU C 63 -55.65 6.31 12.06
N PHE C 64 -54.80 5.30 12.24
CA PHE C 64 -55.29 4.02 12.74
C PHE C 64 -55.93 4.21 14.10
N LEU C 65 -55.32 5.05 14.95
CA LEU C 65 -55.83 5.30 16.29
C LEU C 65 -57.01 6.28 16.29
N GLU C 66 -57.42 6.74 15.11
CA GLU C 66 -58.56 7.64 14.90
C GLU C 66 -58.32 9.02 15.48
N GLY C 67 -57.06 9.45 15.48
CA GLY C 67 -56.72 10.84 15.69
C GLY C 67 -56.63 11.61 14.39
N LEU C 68 -56.45 12.92 14.54
CA LEU C 68 -56.30 13.83 13.41
C LEU C 68 -54.83 14.20 13.28
N PRO C 69 -54.11 13.73 12.26
CA PRO C 69 -52.70 14.11 12.13
C PRO C 69 -52.58 15.60 11.86
N ASN C 70 -51.69 16.26 12.57
CA ASN C 70 -51.50 17.70 12.45
C ASN C 70 -50.38 18.00 11.47
N LEU C 71 -50.73 18.29 10.23
CA LEU C 71 -49.75 18.75 9.24
C LEU C 71 -49.81 20.24 9.03
N GLN C 72 -50.56 20.96 9.86
CA GLN C 72 -50.79 22.39 9.69
C GLN C 72 -49.81 23.23 10.48
N ASP C 73 -49.42 22.78 11.67
CA ASP C 73 -48.58 23.58 12.56
C ASP C 73 -47.13 23.26 12.25
N LEU C 74 -46.41 24.26 11.80
CA LEU C 74 -44.99 24.12 11.51
C LEU C 74 -44.23 25.07 12.44
N GLY C 75 -43.45 24.49 13.33
CA GLY C 75 -42.64 25.22 14.28
C GLY C 75 -41.41 25.86 13.63
N LYS C 76 -40.59 26.46 14.49
CA LYS C 76 -39.50 27.29 14.02
C LYS C 76 -38.36 26.44 13.44
N LEU C 77 -37.99 26.73 12.20
CA LEU C 77 -36.80 26.13 11.61
C LEU C 77 -35.57 26.85 12.12
N LEU C 78 -34.51 26.08 12.33
CA LEU C 78 -33.22 26.58 12.81
C LEU C 78 -32.25 26.48 11.62
N ILE C 79 -32.20 27.52 10.81
CA ILE C 79 -31.38 27.53 9.59
C ILE C 79 -30.06 28.21 9.91
N GLY C 80 -28.95 27.51 9.69
CA GLY C 80 -27.65 28.11 9.90
C GLY C 80 -27.16 28.90 8.70
N GLU C 81 -26.14 29.73 8.95
CA GLU C 81 -25.59 30.60 7.91
C GLU C 81 -24.32 30.05 7.30
N ASN C 82 -23.73 29.04 7.92
CA ASN C 82 -22.53 28.38 7.44
C ASN C 82 -22.57 26.95 7.94
N THR C 83 -21.62 26.15 7.43
CA THR C 83 -21.66 24.71 7.68
C THR C 83 -21.66 24.39 9.17
N GLN C 84 -20.77 25.01 9.96
CA GLN C 84 -20.72 24.72 11.39
C GLN C 84 -22.05 25.05 12.06
N GLU C 85 -22.65 26.19 11.72
CA GLU C 85 -23.92 26.57 12.32
C GLU C 85 -25.04 25.63 11.88
N MET C 86 -25.00 25.17 10.63
CA MET C 86 -26.05 24.27 10.14
C MET C 86 -25.99 22.94 10.86
N LEU C 87 -24.79 22.40 11.02
CA LEU C 87 -24.61 21.16 11.75
C LEU C 87 -25.05 21.33 13.21
N GLN C 88 -24.66 22.44 13.84
CA GLN C 88 -25.07 22.65 15.23
C GLN C 88 -26.59 22.81 15.34
N SER C 89 -27.21 23.47 14.36
CA SER C 89 -28.65 23.65 14.38
CA SER C 89 -28.66 23.66 14.35
C SER C 89 -29.38 22.32 14.22
N ASP C 90 -28.90 21.47 13.32
CA ASP C 90 -29.47 20.13 13.21
C ASP C 90 -29.31 19.37 14.54
N LEU C 91 -28.16 19.50 15.19
CA LEU C 91 -27.93 18.81 16.44
C LEU C 91 -28.87 19.33 17.53
N ASN C 92 -29.03 20.64 17.60
CA ASN C 92 -29.95 21.18 18.61
C ASN C 92 -31.37 20.66 18.35
N LEU C 93 -31.77 20.62 17.09
CA LEU C 93 -33.08 20.10 16.77
C LEU C 93 -33.23 18.64 17.18
N GLU C 94 -32.22 17.82 16.91
CA GLU C 94 -32.29 16.41 17.25
C GLU C 94 -32.32 16.21 18.77
N LEU C 95 -31.60 17.05 19.52
CA LEU C 95 -31.64 16.92 20.98
C LEU C 95 -33.04 17.24 21.51
N CYS C 96 -33.69 18.24 20.94
CA CYS C 96 -35.08 18.51 21.31
CA CYS C 96 -35.08 18.51 21.31
C CYS C 96 -35.98 17.34 20.92
N ALA C 97 -35.78 16.80 19.72
CA ALA C 97 -36.61 15.72 19.23
C ALA C 97 -36.50 14.49 20.12
N THR C 98 -35.28 14.16 20.57
CA THR C 98 -35.15 12.94 21.35
C THR C 98 -35.73 13.12 22.75
N LYS C 99 -35.68 14.33 23.31
CA LYS C 99 -36.35 14.59 24.57
C LYS C 99 -37.85 14.31 24.45
N ASP C 100 -38.47 14.81 23.39
CA ASP C 100 -39.91 14.59 23.17
C ASP C 100 -40.20 13.11 22.92
N LEU C 101 -39.32 12.41 22.20
CA LEU C 101 -39.53 10.99 21.98
C LEU C 101 -39.52 10.20 23.28
N ARG C 102 -38.56 10.50 24.17
CA ARG C 102 -38.51 9.80 25.44
C ARG C 102 -39.78 10.04 26.25
N GLU C 103 -40.26 11.28 26.28
CA GLU C 103 -41.48 11.58 27.02
C GLU C 103 -42.68 10.82 26.43
N ALA C 104 -42.74 10.73 25.11
CA ALA C 104 -43.82 10.00 24.47
C ALA C 104 -43.75 8.51 24.80
N ILE C 105 -42.54 7.95 24.78
CA ILE C 105 -42.38 6.53 25.06
C ILE C 105 -42.82 6.23 26.49
N VAL C 106 -42.46 7.08 27.46
CA VAL C 106 -42.92 6.91 28.84
C VAL C 106 -44.43 6.78 28.88
N HIS C 107 -45.12 7.71 28.21
CA HIS C 107 -46.56 7.71 28.28
C HIS C 107 -47.16 6.48 27.58
N CYS C 108 -46.62 6.11 26.41
CA CYS C 108 -47.13 4.92 25.75
C CYS C 108 -47.00 3.69 26.65
N GLU C 109 -45.87 3.56 27.34
CA GLU C 109 -45.69 2.43 28.25
C GLU C 109 -46.73 2.46 29.36
N GLN C 110 -46.99 3.66 29.91
CA GLN C 110 -47.92 3.79 31.02
C GLN C 110 -49.32 3.34 30.65
N VAL C 111 -49.75 3.59 29.41
CA VAL C 111 -51.09 3.23 28.98
C VAL C 111 -51.11 1.96 28.13
N HIS C 112 -49.98 1.25 28.07
CA HIS C 112 -49.89 -0.07 27.43
C HIS C 112 -50.07 -0.01 25.92
N ASP C 113 -49.71 1.11 25.28
CA ASP C 113 -49.71 1.20 23.81
C ASP C 113 -48.33 0.80 23.32
N TYR C 114 -48.11 -0.52 23.32
CA TYR C 114 -46.77 -1.04 23.05
C TYR C 114 -46.39 -0.92 21.59
N VAL C 115 -47.36 -0.95 20.68
CA VAL C 115 -47.04 -0.80 19.28
C VAL C 115 -46.63 0.64 18.98
N SER C 116 -47.30 1.64 19.56
CA SER C 116 -46.83 3.02 19.39
C SER C 116 -45.46 3.19 20.01
N ARG C 117 -45.22 2.58 21.18
CA ARG C 117 -43.89 2.64 21.79
C ARG C 117 -42.84 2.10 20.84
N ASP C 118 -43.12 0.96 20.19
CA ASP C 118 -42.13 0.37 19.30
CA ASP C 118 -42.13 0.37 19.29
C ASP C 118 -41.84 1.28 18.11
N LEU C 119 -42.88 1.93 17.55
CA LEU C 119 -42.67 2.87 16.47
C LEU C 119 -41.76 4.01 16.91
N LEU C 120 -42.06 4.59 18.08
CA LEU C 120 -41.26 5.69 18.60
C LEU C 120 -39.84 5.27 18.91
N LYS C 121 -39.64 4.06 19.44
CA LYS C 121 -38.29 3.58 19.72
C LYS C 121 -37.47 3.45 18.44
N ASP C 122 -38.11 3.00 17.36
CA ASP C 122 -37.41 2.92 16.08
C ASP C 122 -37.01 4.31 15.60
N ILE C 123 -37.91 5.28 15.71
CA ILE C 123 -37.57 6.65 15.34
C ILE C 123 -36.43 7.16 16.22
N LEU C 124 -36.50 6.87 17.52
CA LEU C 124 -35.47 7.34 18.44
C LEU C 124 -34.10 6.79 18.08
N GLU C 125 -34.04 5.50 17.72
CA GLU C 125 -32.76 4.93 17.28
C GLU C 125 -32.22 5.69 16.08
N SER C 126 -33.08 6.00 15.11
CA SER C 126 -32.66 6.75 13.93
CA SER C 126 -32.62 6.74 13.93
C SER C 126 -32.16 8.14 14.32
N GLU C 127 -32.87 8.80 15.24
CA GLU C 127 -32.42 10.13 15.63
C GLU C 127 -31.10 10.08 16.42
N GLU C 128 -30.88 9.06 17.25
CA GLU C 128 -29.59 8.94 17.92
C GLU C 128 -28.46 8.68 16.93
N GLU C 129 -28.73 7.92 15.87
CA GLU C 129 -27.72 7.78 14.82
C GLU C 129 -27.41 9.12 14.19
N HIS C 130 -28.43 9.97 14.01
CA HIS C 130 -28.15 11.28 13.43
C HIS C 130 -27.33 12.13 14.39
N ILE C 131 -27.63 12.08 15.69
CA ILE C 131 -26.81 12.77 16.69
C ILE C 131 -25.37 12.27 16.63
N ASP C 132 -25.17 10.95 16.52
CA ASP C 132 -23.83 10.39 16.38
C ASP C 132 -23.11 11.00 15.19
N TYR C 133 -23.77 11.02 14.04
CA TYR C 133 -23.20 11.64 12.84
C TYR C 133 -22.84 13.10 13.10
N LEU C 134 -23.76 13.86 13.69
CA LEU C 134 -23.59 15.30 13.82
C LEU C 134 -22.46 15.63 14.77
N GLU C 135 -22.42 14.98 15.93
CA GLU C 135 -21.35 15.22 16.88
C GLU C 135 -20.01 14.84 16.27
N THR C 136 -19.99 13.77 15.47
CA THR C 136 -18.76 13.36 14.81
C THR C 136 -18.30 14.40 13.79
N GLN C 137 -19.23 15.00 13.03
CA GLN C 137 -18.82 16.00 12.04
C GLN C 137 -18.23 17.22 12.74
N LEU C 138 -18.88 17.66 13.81
CA LEU C 138 -18.37 18.83 14.53
C LEU C 138 -17.00 18.53 15.12
N GLY C 139 -16.79 17.30 15.60
CA GLY C 139 -15.48 16.88 16.06
C GLY C 139 -14.45 16.86 14.95
N LEU C 140 -14.85 16.41 13.75
CA LEU C 140 -13.90 16.39 12.64
C LEU C 140 -13.45 17.81 12.25
N ILE C 141 -14.36 18.78 12.29
CA ILE C 141 -13.97 20.16 12.02
C ILE C 141 -12.83 20.56 12.96
N GLN C 142 -12.92 20.16 14.23
CA GLN C 142 -11.86 20.51 15.19
C GLN C 142 -10.57 19.74 14.93
N LYS C 143 -10.65 18.49 14.48
CA LYS C 143 -9.48 17.64 14.30
C LYS C 143 -8.76 17.91 12.98
N VAL C 144 -9.48 18.17 11.89
CA VAL C 144 -8.83 18.35 10.58
C VAL C 144 -8.82 19.79 10.12
N GLY C 145 -9.52 20.69 10.80
CA GLY C 145 -9.69 22.07 10.42
C GLY C 145 -10.89 22.26 9.50
N LEU C 146 -11.51 23.43 9.61
CA LEU C 146 -12.73 23.72 8.82
C LEU C 146 -12.49 23.59 7.32
N GLU C 147 -11.42 24.21 6.81
CA GLU C 147 -11.19 24.22 5.36
CA GLU C 147 -11.18 24.22 5.37
C GLU C 147 -11.02 22.79 4.83
N ASN C 148 -10.24 21.97 5.53
CA ASN C 148 -10.10 20.57 5.14
C ASN C 148 -11.42 19.83 5.24
N TYR C 149 -12.18 20.07 6.30
CA TYR C 149 -13.45 19.38 6.44
C TYR C 149 -14.38 19.69 5.26
N LEU C 150 -14.51 20.96 4.93
CA LEU C 150 -15.31 21.35 3.77
C LEU C 150 -14.76 20.73 2.49
N GLN C 151 -13.44 20.80 2.30
CA GLN C 151 -12.85 20.19 1.11
C GLN C 151 -13.26 18.73 0.95
N SER C 152 -13.23 17.98 2.05
CA SER C 152 -13.59 16.57 2.05
C SER C 152 -15.05 16.34 1.71
N HIS C 153 -15.87 17.39 1.69
CA HIS C 153 -17.29 17.24 1.38
C HIS C 153 -17.68 17.92 0.08
N MET C 154 -16.69 18.29 -0.75
CA MET C 154 -16.97 18.87 -2.06
CA MET C 154 -16.96 18.87 -2.05
C MET C 154 -17.54 17.83 -3.02
N HIS C 155 -16.87 16.68 -3.13
CA HIS C 155 -17.24 15.65 -4.08
C HIS C 155 -18.08 14.57 -3.43
N GLU C 156 -19.09 14.11 -4.14
CA GLU C 156 -19.91 13.01 -3.63
C GLU C 156 -19.09 11.73 -3.53
N MET D 1 3.37 -36.57 27.40
CA MET D 1 3.22 -35.15 26.93
C MET D 1 4.28 -34.85 25.89
N LYS D 2 3.85 -34.53 24.66
CA LYS D 2 4.83 -34.47 23.59
C LYS D 2 5.58 -33.13 23.59
N GLY D 3 4.94 -32.06 24.05
CA GLY D 3 5.53 -30.74 23.92
C GLY D 3 6.64 -30.49 24.92
N ASP D 4 7.64 -29.73 24.47
CA ASP D 4 8.65 -29.20 25.37
C ASP D 4 8.01 -28.16 26.28
N LYS D 5 8.23 -28.29 27.59
CA LYS D 5 7.55 -27.40 28.53
C LYS D 5 7.88 -25.94 28.28
N LYS D 6 9.15 -25.63 28.00
CA LYS D 6 9.52 -24.25 27.75
C LYS D 6 8.99 -23.74 26.40
N VAL D 7 8.88 -24.61 25.39
CA VAL D 7 8.17 -24.19 24.17
C VAL D 7 6.76 -23.74 24.51
N ILE D 8 6.03 -24.56 25.29
CA ILE D 8 4.66 -24.19 25.62
C ILE D 8 4.62 -22.88 26.40
N GLN D 9 5.58 -22.66 27.32
CA GLN D 9 5.62 -21.40 28.02
C GLN D 9 5.82 -20.24 27.06
N HIS D 10 6.72 -20.40 26.09
CA HIS D 10 6.92 -19.36 25.08
C HIS D 10 5.66 -19.12 24.28
N LEU D 11 5.01 -20.20 23.84
CA LEU D 11 3.79 -20.03 23.05
C LEU D 11 2.71 -19.33 23.85
N ASN D 12 2.59 -19.64 25.14
CA ASN D 12 1.61 -18.92 25.97
C ASN D 12 2.00 -17.47 26.18
N LYS D 13 3.30 -17.16 26.20
CA LYS D 13 3.71 -15.77 26.27
C LYS D 13 3.29 -15.01 25.00
N ILE D 14 3.53 -15.63 23.84
CA ILE D 14 3.12 -15.00 22.58
C ILE D 14 1.61 -14.87 22.54
N LEU D 15 0.90 -15.91 22.95
CA LEU D 15 -0.55 -15.84 23.02
C LEU D 15 -1.00 -14.67 23.90
N GLY D 16 -0.38 -14.51 25.07
CA GLY D 16 -0.74 -13.39 25.92
C GLY D 16 -0.55 -12.04 25.23
N ASN D 17 0.54 -11.91 24.46
CA ASN D 17 0.76 -10.70 23.70
C ASN D 17 -0.33 -10.51 22.64
N GLU D 18 -0.75 -11.60 22.00
CA GLU D 18 -1.83 -11.50 21.02
C GLU D 18 -3.12 -11.05 21.66
N LEU D 19 -3.42 -11.56 22.85
CA LEU D 19 -4.67 -11.18 23.52
C LEU D 19 -4.68 -9.68 23.84
N ILE D 20 -3.54 -9.13 24.27
CA ILE D 20 -3.44 -7.69 24.48
C ILE D 20 -3.70 -6.95 23.19
N ALA D 21 -3.03 -7.37 22.11
CA ALA D 21 -3.14 -6.68 20.84
C ALA D 21 -4.57 -6.74 20.28
N ILE D 22 -5.22 -7.89 20.39
CA ILE D 22 -6.59 -7.98 19.92
C ILE D 22 -7.43 -6.87 20.53
N ASN D 23 -7.38 -6.75 21.86
CA ASN D 23 -8.23 -5.79 22.55
C ASN D 23 -7.80 -4.36 22.31
N GLN D 24 -6.49 -4.10 22.35
CA GLN D 24 -6.00 -2.74 22.11
C GLN D 24 -6.39 -2.25 20.72
N TYR D 25 -6.17 -3.11 19.72
CA TYR D 25 -6.49 -2.69 18.35
C TYR D 25 -8.00 -2.60 18.15
N PHE D 26 -8.77 -3.50 18.76
CA PHE D 26 -10.22 -3.38 18.58
C PHE D 26 -10.74 -2.08 19.17
N LEU D 27 -10.27 -1.71 20.37
CA LEU D 27 -10.71 -0.45 20.96
C LEU D 27 -10.22 0.74 20.15
N HIS D 28 -8.94 0.73 19.74
CA HIS D 28 -8.48 1.83 18.90
C HIS D 28 -9.32 1.96 17.63
N SER D 29 -9.66 0.83 17.02
CA SER D 29 -10.50 0.85 15.83
C SER D 29 -11.82 1.55 16.08
N ARG D 30 -12.47 1.19 17.18
CA ARG D 30 -13.80 1.75 17.44
C ARG D 30 -13.72 3.20 17.90
N MET D 31 -12.61 3.59 18.54
CA MET D 31 -12.36 5.00 18.83
C MET D 31 -12.24 5.80 17.54
N TRP D 32 -11.44 5.31 16.59
CA TRP D 32 -11.32 6.00 15.31
C TRP D 32 -12.66 6.09 14.60
N ASN D 33 -13.48 5.03 14.66
CA ASN D 33 -14.81 5.11 14.05
C ASN D 33 -15.68 6.15 14.75
N ASP D 34 -15.63 6.19 16.07
CA ASP D 34 -16.38 7.19 16.83
C ASP D 34 -16.00 8.60 16.40
N TRP D 35 -14.73 8.82 16.09
CA TRP D 35 -14.25 10.12 15.65
C TRP D 35 -14.46 10.38 14.16
N GLY D 36 -15.00 9.44 13.41
CA GLY D 36 -15.21 9.69 12.00
C GLY D 36 -13.99 9.45 11.15
N LEU D 37 -12.96 8.83 11.69
CA LEU D 37 -11.76 8.51 10.93
C LEU D 37 -11.87 7.06 10.43
N LYS D 38 -12.78 6.88 9.47
CA LYS D 38 -13.23 5.54 9.12
C LYS D 38 -12.13 4.71 8.47
N ARG D 39 -11.19 5.35 7.77
CA ARG D 39 -10.14 4.57 7.12
C ARG D 39 -9.20 3.99 8.15
N LEU D 40 -8.85 4.77 9.17
CA LEU D 40 -8.09 4.25 10.30
C LEU D 40 -8.87 3.18 11.05
N GLY D 41 -10.15 3.44 11.29
CA GLY D 41 -10.96 2.47 12.00
C GLY D 41 -10.99 1.13 11.29
N ALA D 42 -11.14 1.16 9.96
CA ALA D 42 -11.18 -0.08 9.21
C ALA D 42 -9.83 -0.79 9.20
N HIS D 43 -8.75 -0.06 8.99
CA HIS D 43 -7.44 -0.69 8.97
C HIS D 43 -7.15 -1.36 10.30
N GLU D 44 -7.43 -0.64 11.40
CA GLU D 44 -7.16 -1.15 12.74
C GLU D 44 -8.05 -2.34 13.07
N TYR D 45 -9.29 -2.36 12.57
CA TYR D 45 -10.14 -3.54 12.72
C TYR D 45 -9.48 -4.76 12.08
N HIS D 46 -8.96 -4.60 10.87
CA HIS D 46 -8.32 -5.73 10.20
C HIS D 46 -7.04 -6.16 10.93
N GLU D 47 -6.32 -5.23 11.56
CA GLU D 47 -5.18 -5.61 12.40
C GLU D 47 -5.63 -6.45 13.59
N SER D 48 -6.75 -6.06 14.24
CA SER D 48 -7.27 -6.84 15.34
C SER D 48 -7.67 -8.25 14.90
N ILE D 49 -8.34 -8.36 13.75
CA ILE D 49 -8.73 -9.68 13.22
C ILE D 49 -7.49 -10.52 12.94
N ASP D 50 -6.44 -9.92 12.38
CA ASP D 50 -5.22 -10.68 12.11
CA ASP D 50 -5.24 -10.69 12.11
C ASP D 50 -4.64 -11.26 13.40
N GLU D 51 -4.66 -10.47 14.48
CA GLU D 51 -4.14 -10.97 15.75
C GLU D 51 -5.02 -12.08 16.29
N MET D 52 -6.34 -11.98 16.08
CA MET D 52 -7.25 -13.06 16.44
C MET D 52 -6.87 -14.36 15.75
N LYS D 53 -6.55 -14.28 14.46
CA LYS D 53 -6.16 -15.46 13.71
C LYS D 53 -4.84 -16.04 14.23
N HIS D 54 -3.89 -15.19 14.60
CA HIS D 54 -2.65 -15.68 15.20
C HIS D 54 -2.92 -16.37 16.53
N ALA D 55 -3.79 -15.78 17.34
CA ALA D 55 -4.14 -16.40 18.62
C ALA D 55 -4.74 -17.78 18.41
N ASP D 56 -5.63 -17.92 17.43
CA ASP D 56 -6.22 -19.21 17.12
C ASP D 56 -5.15 -20.25 16.82
N LYS D 57 -4.20 -19.91 15.94
CA LYS D 57 -3.16 -20.86 15.59
C LYS D 57 -2.29 -21.22 16.79
N LEU D 58 -2.02 -20.25 17.67
CA LEU D 58 -1.24 -20.55 18.88
C LEU D 58 -1.99 -21.52 19.78
N ILE D 59 -3.29 -21.27 20.00
CA ILE D 59 -4.11 -22.14 20.84
C ILE D 59 -4.11 -23.56 20.29
N GLU D 60 -4.32 -23.69 18.98
CA GLU D 60 -4.33 -25.01 18.35
C GLU D 60 -2.99 -25.72 18.55
N ARG D 61 -1.88 -25.01 18.37
CA ARG D 61 -0.56 -25.61 18.55
C ARG D 61 -0.33 -26.03 19.99
N ILE D 62 -0.68 -25.19 20.96
CA ILE D 62 -0.48 -25.53 22.37
C ILE D 62 -1.26 -26.78 22.72
N LEU D 63 -2.52 -26.89 22.27
CA LEU D 63 -3.29 -28.09 22.57
C LEU D 63 -2.69 -29.33 21.92
N PHE D 64 -2.21 -29.21 20.68
CA PHE D 64 -1.58 -30.36 20.04
C PHE D 64 -0.37 -30.84 20.84
N LEU D 65 0.39 -29.89 21.40
CA LEU D 65 1.57 -30.20 22.21
C LEU D 65 1.21 -30.63 23.64
N GLU D 66 -0.08 -30.68 23.96
CA GLU D 66 -0.60 -31.16 25.25
C GLU D 66 -0.33 -30.16 26.37
N GLY D 67 -0.25 -28.88 26.02
CA GLY D 67 -0.22 -27.81 26.99
C GLY D 67 -1.60 -27.20 27.22
N LEU D 68 -1.64 -26.28 28.17
CA LEU D 68 -2.85 -25.55 28.52
C LEU D 68 -2.77 -24.13 27.98
N PRO D 69 -3.56 -23.78 26.96
CA PRO D 69 -3.55 -22.39 26.48
C PRO D 69 -4.08 -21.45 27.55
N ASN D 70 -3.34 -20.37 27.78
CA ASN D 70 -3.69 -19.38 28.79
C ASN D 70 -4.47 -18.24 28.14
N LEU D 71 -5.80 -18.31 28.25
CA LEU D 71 -6.65 -17.20 27.83
C LEU D 71 -7.16 -16.39 29.01
N GLN D 72 -6.61 -16.62 30.21
CA GLN D 72 -7.09 -16.00 31.43
C GLN D 72 -6.33 -14.72 31.76
N ASP D 73 -5.03 -14.70 31.47
CA ASP D 73 -4.18 -13.58 31.86
C ASP D 73 -4.16 -12.56 30.72
N LEU D 74 -4.61 -11.36 31.03
CA LEU D 74 -4.64 -10.26 30.07
C LEU D 74 -3.76 -9.15 30.63
N GLY D 75 -2.65 -8.88 29.95
CA GLY D 75 -1.74 -7.83 30.35
C GLY D 75 -2.25 -6.43 30.02
N LYS D 76 -1.37 -5.47 30.27
CA LYS D 76 -1.77 -4.07 30.21
C LYS D 76 -1.98 -3.60 28.77
N LEU D 77 -3.16 -3.06 28.50
CA LEU D 77 -3.42 -2.40 27.23
C LEU D 77 -2.79 -1.02 27.21
N LEU D 78 -2.28 -0.63 26.06
CA LEU D 78 -1.68 0.69 25.84
C LEU D 78 -2.65 1.49 24.95
N ILE D 79 -3.57 2.25 25.57
CA ILE D 79 -4.62 2.97 24.84
C ILE D 79 -4.23 4.43 24.72
N GLY D 80 -4.10 4.91 23.50
CA GLY D 80 -3.78 6.30 23.30
C GLY D 80 -4.98 7.20 23.41
N GLU D 81 -4.72 8.50 23.59
CA GLU D 81 -5.78 9.50 23.71
C GLU D 81 -6.04 10.26 22.41
N ASN D 82 -5.16 10.14 21.42
CA ASN D 82 -5.31 10.78 20.13
C ASN D 82 -4.60 9.90 19.11
N THR D 83 -4.77 10.22 17.83
CA THR D 83 -4.27 9.35 16.75
C THR D 83 -2.79 9.09 16.87
N GLN D 84 -1.98 10.14 17.05
CA GLN D 84 -0.55 9.94 17.15
C GLN D 84 -0.21 9.02 18.32
N GLU D 85 -0.82 9.21 19.49
CA GLU D 85 -0.53 8.35 20.64
C GLU D 85 -0.98 6.91 20.39
N MET D 86 -2.11 6.74 19.70
CA MET D 86 -2.61 5.41 19.43
C MET D 86 -1.67 4.64 18.51
N LEU D 87 -1.21 5.30 17.44
CA LEU D 87 -0.25 4.68 16.54
C LEU D 87 1.05 4.35 17.27
N GLN D 88 1.54 5.27 18.11
CA GLN D 88 2.77 4.99 18.84
C GLN D 88 2.58 3.86 19.85
N SER D 89 1.40 3.78 20.48
CA SER D 89 1.14 2.70 21.42
CA SER D 89 1.12 2.70 21.42
C SER D 89 1.11 1.35 20.71
N ASP D 90 0.47 1.28 19.54
CA ASP D 90 0.50 0.04 18.76
C ASP D 90 1.93 -0.32 18.39
N LEU D 91 2.72 0.68 18.00
CA LEU D 91 4.12 0.42 17.63
C LEU D 91 4.91 -0.11 18.83
N ASN D 92 4.73 0.52 20.00
CA ASN D 92 5.40 0.04 21.20
C ASN D 92 5.02 -1.41 21.50
N LEU D 93 3.73 -1.73 21.37
CA LEU D 93 3.30 -3.10 21.60
C LEU D 93 3.93 -4.05 20.61
N GLU D 94 3.98 -3.69 19.33
CA GLU D 94 4.56 -4.59 18.34
C GLU D 94 6.05 -4.78 18.56
N LEU D 95 6.75 -3.75 19.00
CA LEU D 95 8.18 -3.93 19.26
C LEU D 95 8.40 -4.91 20.41
N CYS D 96 7.57 -4.83 21.46
CA CYS D 96 7.64 -5.83 22.53
C CYS D 96 7.29 -7.22 22.01
N ALA D 97 6.25 -7.30 21.18
CA ALA D 97 5.84 -8.59 20.66
C ALA D 97 6.91 -9.24 19.80
N THR D 98 7.61 -8.45 18.97
CA THR D 98 8.61 -9.08 18.11
C THR D 98 9.81 -9.52 18.93
N LYS D 99 10.15 -8.80 20.00
CA LYS D 99 11.23 -9.25 20.88
C LYS D 99 10.89 -10.62 21.47
N ASP D 100 9.67 -10.78 21.96
CA ASP D 100 9.28 -12.08 22.51
C ASP D 100 9.25 -13.17 21.44
N LEU D 101 8.81 -12.83 20.23
CA LEU D 101 8.79 -13.81 19.16
C LEU D 101 10.19 -14.32 18.85
N ARG D 102 11.16 -13.41 18.77
CA ARG D 102 12.53 -13.83 18.48
C ARG D 102 13.05 -14.75 19.57
N GLU D 103 12.81 -14.42 20.84
CA GLU D 103 13.25 -15.29 21.92
C GLU D 103 12.59 -16.66 21.86
N ALA D 104 11.31 -16.71 21.50
CA ALA D 104 10.64 -17.99 21.35
C ALA D 104 11.21 -18.82 20.19
N ILE D 105 11.51 -18.16 19.07
CA ILE D 105 12.07 -18.87 17.92
C ILE D 105 13.43 -19.47 18.26
N VAL D 106 14.28 -18.72 18.98
CA VAL D 106 15.57 -19.24 19.42
C VAL D 106 15.37 -20.55 20.18
N HIS D 107 14.45 -20.55 21.14
CA HIS D 107 14.27 -21.74 21.96
C HIS D 107 13.71 -22.89 21.14
N CYS D 108 12.71 -22.62 20.28
CA CYS D 108 12.19 -23.68 19.43
C CYS D 108 13.29 -24.32 18.61
N GLU D 109 14.20 -23.52 18.04
CA GLU D 109 15.30 -24.04 17.26
C GLU D 109 16.20 -24.93 18.12
N GLN D 110 16.47 -24.46 19.33
CA GLN D 110 17.37 -25.20 20.23
C GLN D 110 16.84 -26.59 20.56
N VAL D 111 15.51 -26.75 20.72
CA VAL D 111 14.94 -28.04 21.07
C VAL D 111 14.32 -28.75 19.85
N HIS D 112 14.55 -28.23 18.65
CA HIS D 112 14.20 -28.90 17.41
C HIS D 112 12.70 -28.94 17.17
N ASP D 113 11.97 -27.96 17.72
CA ASP D 113 10.53 -27.86 17.44
C ASP D 113 10.38 -26.93 16.22
N TYR D 114 10.64 -27.50 15.06
CA TYR D 114 10.72 -26.71 13.84
C TYR D 114 9.35 -26.26 13.35
N VAL D 115 8.30 -27.02 13.66
CA VAL D 115 6.96 -26.61 13.25
C VAL D 115 6.49 -25.43 14.08
N SER D 116 6.77 -25.45 15.40
CA SER D 116 6.46 -24.27 16.18
C SER D 116 7.26 -23.06 15.73
N ARG D 117 8.54 -23.26 15.40
CA ARG D 117 9.32 -22.16 14.87
C ARG D 117 8.68 -21.58 13.61
N ASP D 118 8.23 -22.43 12.71
CA ASP D 118 7.64 -21.94 11.46
C ASP D 118 6.38 -21.13 11.74
N LEU D 119 5.55 -21.58 12.68
CA LEU D 119 4.36 -20.81 13.06
C LEU D 119 4.75 -19.44 13.60
N LEU D 120 5.74 -19.41 14.49
CA LEU D 120 6.15 -18.15 15.08
C LEU D 120 6.78 -17.22 14.04
N LYS D 121 7.51 -17.78 13.08
CA LYS D 121 8.11 -16.96 12.01
C LYS D 121 7.04 -16.33 11.14
N ASP D 122 5.96 -17.05 10.88
CA ASP D 122 4.85 -16.47 10.11
C ASP D 122 4.20 -15.33 10.89
N ILE D 123 3.97 -15.51 12.19
CA ILE D 123 3.45 -14.42 13.00
C ILE D 123 4.41 -13.23 13.00
N LEU D 124 5.71 -13.50 13.14
CA LEU D 124 6.70 -12.42 13.15
C LEU D 124 6.66 -11.62 11.85
N GLU D 125 6.54 -12.30 10.71
CA GLU D 125 6.44 -11.59 9.44
C GLU D 125 5.24 -10.65 9.44
N SER D 126 4.10 -11.14 9.94
CA SER D 126 2.90 -10.30 10.04
CA SER D 126 2.92 -10.29 10.03
C SER D 126 3.12 -9.09 10.94
N GLU D 127 3.79 -9.30 12.07
CA GLU D 127 4.01 -8.19 13.00
C GLU D 127 5.00 -7.17 12.43
N GLU D 128 6.02 -7.62 11.69
CA GLU D 128 6.91 -6.66 11.02
C GLU D 128 6.18 -5.87 9.94
N GLU D 129 5.23 -6.50 9.22
CA GLU D 129 4.39 -5.74 8.30
C GLU D 129 3.59 -4.66 9.04
N HIS D 130 3.11 -4.97 10.24
CA HIS D 130 2.37 -3.97 11.01
C HIS D 130 3.30 -2.84 11.45
N ILE D 131 4.52 -3.18 11.89
CA ILE D 131 5.51 -2.16 12.22
C ILE D 131 5.78 -1.26 11.02
N ASP D 132 5.93 -1.86 9.83
CA ASP D 132 6.13 -1.08 8.60
C ASP D 132 5.00 -0.08 8.41
N TYR D 133 3.76 -0.57 8.53
CA TYR D 133 2.60 0.32 8.42
C TYR D 133 2.66 1.44 9.46
N LEU D 134 2.93 1.10 10.71
CA LEU D 134 2.86 2.08 11.79
C LEU D 134 3.93 3.16 11.66
N GLU D 135 5.17 2.77 11.40
CA GLU D 135 6.24 3.75 11.20
C GLU D 135 5.92 4.63 10.00
N THR D 136 5.35 4.04 8.95
CA THR D 136 5.00 4.83 7.78
C THR D 136 3.92 5.86 8.11
N GLN D 137 2.91 5.47 8.91
CA GLN D 137 1.89 6.43 9.27
C GLN D 137 2.46 7.57 10.09
N LEU D 138 3.30 7.24 11.06
CA LEU D 138 3.90 8.30 11.87
C LEU D 138 4.75 9.22 11.01
N GLY D 139 5.45 8.67 10.02
CA GLY D 139 6.19 9.50 9.10
C GLY D 139 5.31 10.38 8.24
N LEU D 140 4.15 9.87 7.83
CA LEU D 140 3.27 10.68 7.01
C LEU D 140 2.72 11.86 7.79
N ILE D 141 2.45 11.67 9.08
CA ILE D 141 2.01 12.79 9.90
C ILE D 141 3.04 13.92 9.83
N GLN D 142 4.32 13.57 9.87
CA GLN D 142 5.37 14.59 9.78
C GLN D 142 5.45 15.21 8.39
N LYS D 143 5.23 14.42 7.33
CA LYS D 143 5.42 14.92 5.98
CA LYS D 143 5.41 14.90 5.97
C LYS D 143 4.23 15.72 5.47
N VAL D 144 3.00 15.30 5.77
CA VAL D 144 1.82 16.02 5.26
C VAL D 144 1.15 16.88 6.30
N GLY D 145 1.53 16.77 7.56
CA GLY D 145 0.90 17.45 8.68
C GLY D 145 -0.25 16.63 9.25
N LEU D 146 -0.47 16.81 10.55
CA LEU D 146 -1.49 16.02 11.26
C LEU D 146 -2.88 16.21 10.65
N GLU D 147 -3.26 17.45 10.40
CA GLU D 147 -4.62 17.72 9.91
C GLU D 147 -4.87 17.06 8.57
N ASN D 148 -3.93 17.20 7.61
CA ASN D 148 -4.06 16.50 6.33
C ASN D 148 -4.06 14.99 6.53
N TYR D 149 -3.20 14.49 7.41
CA TYR D 149 -3.15 13.04 7.62
C TYR D 149 -4.50 12.52 8.11
N LEU D 150 -5.10 13.20 9.08
CA LEU D 150 -6.41 12.78 9.57
C LEU D 150 -7.46 12.94 8.49
N GLN D 151 -7.43 14.06 7.75
CA GLN D 151 -8.37 14.25 6.65
C GLN D 151 -8.34 13.06 5.69
N SER D 152 -7.14 12.59 5.34
CA SER D 152 -6.97 11.48 4.41
C SER D 152 -7.49 10.17 4.97
N HIS D 153 -7.82 10.12 6.25
CA HIS D 153 -8.35 8.89 6.85
C HIS D 153 -9.81 9.04 7.28
N MET D 154 -10.51 10.07 6.82
CA MET D 154 -11.93 10.22 7.13
C MET D 154 -12.77 9.20 6.37
N HIS D 155 -12.53 9.08 5.06
CA HIS D 155 -13.32 8.23 4.19
C HIS D 155 -12.62 6.89 3.95
N GLU D 156 -13.40 5.82 3.93
CA GLU D 156 -12.86 4.50 3.61
C GLU D 156 -12.40 4.42 2.16
#